data_6OBC
#
_entry.id   6OBC
#
_cell.length_a   38.748
_cell.length_b   47.197
_cell.length_c   58.430
_cell.angle_alpha   100.250
_cell.angle_beta   97.300
_cell.angle_gamma   109.710
#
_symmetry.space_group_name_H-M   'P 1'
#
loop_
_entity.id
_entity.type
_entity.pdbx_description
1 polymer 'Ricin A chain'
2 polymer 'VHH antibody'
3 non-polymer 'CHLORIDE ION'
4 non-polymer 1,2-ETHANEDIOL
5 water water
#
loop_
_entity_poly.entity_id
_entity_poly.type
_entity_poly.pdbx_seq_one_letter_code
_entity_poly.pdbx_strand_id
1 'polypeptide(L)'
;QYPIINFTTAGATVQSYTNFIRAVRGRLTTGADVRHEIPVLPNRVGLPINQRFILVELSNHAELSVTLALDVTNAYVVGY
RAGNSAYFFHPDNQEDAEAITHLFTDVQNRYTFAFGGNYDRLEQLAGNLRENIELGNGPLEEAISALYYYSTGGTQLPTL
ARSFIICIQMISEAARFQYIEGEMRTRIRYNRRSAPDPSVITLENSWGRLSTAIQESNQGAFASPIQLQRRNGSKFSVYD
VSILIPIIALMVYRCAPPP
;
A
2 'polypeptide(L)'
;QVQLAETGGGLVQPGGARTLSCAASESISSFYFMGWYRQAPGKPRELVAEISNYGRTDYGDSLKGRFTISRDNAANTVNL
QMNNLAPEDTALYYCNARKWERSVLEDYWGQGTQVTVSS
;
B
#
loop_
_chem_comp.id
_chem_comp.type
_chem_comp.name
_chem_comp.formula
CL non-polymer 'CHLORIDE ION' 'Cl -1'
EDO non-polymer 1,2-ETHANEDIOL 'C2 H6 O2'
#
# COMPACT_ATOMS: atom_id res chain seq x y z
N GLN A 1 -23.86 -16.94 -0.99
CA GLN A 1 -23.75 -16.85 -2.45
C GLN A 1 -22.30 -16.64 -2.92
N TYR A 2 -21.57 -15.73 -2.30
CA TYR A 2 -20.17 -15.54 -2.70
C TYR A 2 -19.31 -16.72 -2.25
N PRO A 3 -18.22 -16.99 -2.98
CA PRO A 3 -17.32 -18.10 -2.66
C PRO A 3 -16.66 -17.91 -1.30
N ILE A 4 -16.59 -18.99 -0.53
CA ILE A 4 -15.99 -18.95 0.80
C ILE A 4 -14.72 -19.78 0.86
N ILE A 5 -13.68 -19.18 1.42
CA ILE A 5 -12.46 -19.90 1.74
C ILE A 5 -12.27 -19.93 3.25
N ASN A 6 -12.00 -21.13 3.77
CA ASN A 6 -11.79 -21.31 5.20
C ASN A 6 -10.32 -21.40 5.59
N PHE A 7 -9.99 -20.78 6.72
CA PHE A 7 -8.70 -21.02 7.36
C PHE A 7 -8.81 -21.00 8.87
N THR A 8 -8.07 -21.89 9.54
CA THR A 8 -8.03 -21.86 10.99
C THR A 8 -6.59 -21.77 11.52
N THR A 9 -6.41 -20.99 12.58
CA THR A 9 -5.11 -20.90 13.22
C THR A 9 -4.87 -22.15 14.07
N ALA A 10 -5.95 -22.84 14.42
CA ALA A 10 -5.87 -24.03 15.27
C ALA A 10 -5.17 -25.15 14.51
N GLY A 11 -3.95 -25.47 14.91
CA GLY A 11 -3.19 -26.53 14.26
C GLY A 11 -2.59 -26.10 12.93
N ALA A 12 -2.54 -24.80 12.67
CA ALA A 12 -2.05 -24.30 11.39
C ALA A 12 -0.66 -24.82 11.09
N THR A 13 -0.41 -25.15 9.83
CA THR A 13 0.90 -25.60 9.43
C THR A 13 1.33 -24.82 8.18
N VAL A 14 2.57 -25.01 7.77
CA VAL A 14 3.03 -24.45 6.51
C VAL A 14 2.12 -24.91 5.37
N GLN A 15 1.79 -26.20 5.37
CA GLN A 15 0.87 -26.74 4.38
C GLN A 15 -0.49 -26.04 4.38
N SER A 16 -1.16 -25.97 5.53
CA SER A 16 -2.50 -25.40 5.54
C SER A 16 -2.47 -23.92 5.14
N TYR A 17 -1.43 -23.21 5.52
CA TYR A 17 -1.37 -21.79 5.19
C TYR A 17 -1.11 -21.65 3.67
N THR A 18 -0.22 -22.49 3.16
CA THR A 18 0.07 -22.50 1.73
C THR A 18 -1.20 -22.75 0.93
N ASN A 19 -1.96 -23.77 1.32
CA ASN A 19 -3.18 -24.12 0.59
C ASN A 19 -4.19 -22.99 0.72
N PHE A 20 -4.20 -22.34 1.87
CA PHE A 20 -5.09 -21.23 2.10
C PHE A 20 -4.81 -20.06 1.14
N ILE A 21 -3.56 -19.61 1.09
CA ILE A 21 -3.21 -18.47 0.24
C ILE A 21 -3.41 -18.79 -1.24
N ARG A 22 -3.04 -20.01 -1.65
CA ARG A 22 -3.23 -20.43 -3.03
C ARG A 22 -4.72 -20.43 -3.39
N ALA A 23 -5.57 -20.85 -2.46
CA ALA A 23 -7.01 -20.85 -2.71
C ALA A 23 -7.53 -19.42 -2.82
N VAL A 24 -7.00 -18.54 -1.99
CA VAL A 24 -7.41 -17.15 -2.06
C VAL A 24 -7.03 -16.60 -3.44
N ARG A 25 -5.81 -16.87 -3.87
CA ARG A 25 -5.40 -16.41 -5.20
C ARG A 25 -6.31 -16.94 -6.29
N GLY A 26 -6.63 -18.24 -6.21
CA GLY A 26 -7.47 -18.87 -7.20
C GLY A 26 -8.87 -18.29 -7.29
N ARG A 27 -9.36 -17.72 -6.20
CA ARG A 27 -10.69 -17.13 -6.18
C ARG A 27 -10.67 -15.66 -6.57
N LEU A 28 -9.51 -15.02 -6.43
CA LEU A 28 -9.36 -13.60 -6.79
C LEU A 28 -9.32 -13.35 -8.29
N THR A 29 -8.64 -14.23 -9.03
CA THR A 29 -8.48 -14.05 -10.47
C THR A 29 -8.77 -15.37 -11.17
N THR A 30 -9.19 -15.30 -12.43
CA THR A 30 -9.40 -16.51 -13.22
C THR A 30 -8.13 -16.89 -13.99
N GLY A 31 -7.10 -16.05 -13.86
CA GLY A 31 -5.84 -16.28 -14.54
C GLY A 31 -5.86 -15.95 -16.02
N ALA A 32 -6.94 -15.29 -16.44
CA ALA A 32 -7.12 -14.95 -17.85
C ALA A 32 -6.30 -13.75 -18.29
N ASP A 33 -5.95 -12.88 -17.34
CA ASP A 33 -5.17 -11.69 -17.66
C ASP A 33 -3.82 -11.76 -16.98
N VAL A 34 -2.79 -12.09 -17.75
CA VAL A 34 -1.44 -12.19 -17.22
C VAL A 34 -0.52 -11.24 -17.98
N ARG A 35 0.28 -10.45 -17.26
CA ARG A 35 1.20 -9.56 -17.95
C ARG A 35 2.62 -9.72 -17.46
N HIS A 36 3.51 -9.97 -18.41
CA HIS A 36 4.90 -10.30 -18.09
C HIS A 36 4.92 -11.35 -17.00
N GLU A 37 4.09 -12.38 -17.17
CA GLU A 37 4.09 -13.55 -16.29
C GLU A 37 3.60 -13.29 -14.86
N ILE A 38 2.82 -12.21 -14.70
CA ILE A 38 2.21 -11.87 -13.41
C ILE A 38 0.71 -11.61 -13.62
N PRO A 39 -0.14 -12.27 -12.82
CA PRO A 39 -1.58 -12.11 -13.04
C PRO A 39 -2.09 -10.74 -12.60
N VAL A 40 -3.15 -10.29 -13.25
CA VAL A 40 -3.77 -9.03 -12.92
C VAL A 40 -5.17 -9.33 -12.37
N LEU A 41 -5.56 -8.61 -11.31
CA LEU A 41 -6.89 -8.77 -10.75
C LEU A 41 -7.93 -8.25 -11.72
N PRO A 42 -9.18 -8.68 -11.54
CA PRO A 42 -10.29 -8.19 -12.37
C PRO A 42 -10.38 -6.67 -12.33
N ASN A 43 -10.73 -6.08 -13.48
CA ASN A 43 -11.01 -4.64 -13.58
C ASN A 43 -12.32 -4.28 -12.90
N ARG A 44 -12.26 -3.36 -11.93
CA ARG A 44 -13.46 -2.90 -11.23
C ARG A 44 -14.53 -2.36 -12.18
N VAL A 45 -14.11 -1.72 -13.26
CA VAL A 45 -15.05 -1.09 -14.18
C VAL A 45 -15.84 -2.10 -15.01
N GLY A 46 -17.16 -2.11 -14.79
CA GLY A 46 -18.04 -3.01 -15.51
C GLY A 46 -18.08 -4.41 -14.93
N LEU A 47 -17.48 -4.59 -13.76
CA LEU A 47 -17.45 -5.93 -13.15
C LEU A 47 -18.81 -6.26 -12.54
N PRO A 48 -19.37 -7.43 -12.89
CA PRO A 48 -20.69 -7.81 -12.33
C PRO A 48 -20.61 -8.00 -10.83
N ILE A 49 -21.62 -7.54 -10.11
CA ILE A 49 -21.57 -7.58 -8.64
C ILE A 49 -21.43 -9.02 -8.15
N ASN A 50 -22.01 -9.96 -8.88
CA ASN A 50 -21.94 -11.37 -8.52
C ASN A 50 -20.51 -11.94 -8.51
N GLN A 51 -19.58 -11.19 -9.12
CA GLN A 51 -18.19 -11.61 -9.21
C GLN A 51 -17.28 -10.75 -8.34
N ARG A 52 -17.89 -9.83 -7.60
CA ARG A 52 -17.14 -8.73 -6.98
C ARG A 52 -16.40 -9.07 -5.68
N PHE A 53 -16.90 -10.04 -4.92
CA PHE A 53 -16.34 -10.33 -3.60
C PHE A 53 -16.05 -11.80 -3.37
N ILE A 54 -15.12 -12.07 -2.46
CA ILE A 54 -14.95 -13.41 -1.93
C ILE A 54 -14.89 -13.32 -0.40
N LEU A 55 -15.27 -14.40 0.27
CA LEU A 55 -15.34 -14.42 1.72
C LEU A 55 -14.24 -15.32 2.28
N VAL A 56 -13.58 -14.85 3.34
CA VAL A 56 -12.56 -15.63 4.01
C VAL A 56 -13.05 -15.90 5.42
N GLU A 57 -13.41 -17.14 5.70
CA GLU A 57 -13.93 -17.50 7.01
C GLU A 57 -12.77 -17.96 7.89
N LEU A 58 -12.45 -17.15 8.89
CA LEU A 58 -11.34 -17.42 9.80
C LEU A 58 -11.82 -18.02 11.11
N SER A 59 -11.13 -19.05 11.60
CA SER A 59 -11.43 -19.63 12.92
C SER A 59 -10.16 -19.68 13.73
N ASN A 60 -10.29 -19.72 15.06
CA ASN A 60 -9.09 -19.76 15.88
C ASN A 60 -9.11 -20.86 16.93
N HIS A 61 -8.14 -20.83 17.83
CA HIS A 61 -8.02 -21.89 18.83
C HIS A 61 -9.24 -21.87 19.75
N ALA A 62 -9.88 -20.70 19.87
CA ALA A 62 -11.03 -20.60 20.77
C ALA A 62 -12.30 -21.02 20.03
N GLU A 63 -12.14 -21.48 18.79
CA GLU A 63 -13.26 -21.82 17.90
C GLU A 63 -14.28 -20.70 17.71
N LEU A 64 -13.78 -19.47 17.71
CA LEU A 64 -14.57 -18.33 17.30
C LEU A 64 -14.32 -18.14 15.81
N SER A 65 -15.34 -17.77 15.06
CA SER A 65 -15.12 -17.50 13.64
C SER A 65 -15.58 -16.10 13.23
N VAL A 66 -14.81 -15.49 12.33
CA VAL A 66 -15.24 -14.25 11.69
C VAL A 66 -15.06 -14.45 10.21
N THR A 67 -15.92 -13.83 9.41
CA THR A 67 -15.79 -13.90 7.95
C THR A 67 -15.43 -12.53 7.37
N LEU A 68 -14.24 -12.42 6.81
CA LEU A 68 -13.79 -11.20 6.14
C LEU A 68 -14.36 -11.22 4.74
N ALA A 69 -14.74 -10.05 4.22
CA ALA A 69 -15.13 -9.96 2.81
C ALA A 69 -14.01 -9.28 2.08
N LEU A 70 -13.57 -9.87 0.97
CA LEU A 70 -12.49 -9.29 0.15
C LEU A 70 -13.00 -8.83 -1.20
N ASP A 71 -12.55 -7.65 -1.64
CA ASP A 71 -12.93 -7.11 -2.92
C ASP A 71 -11.96 -7.71 -3.92
N VAL A 72 -12.46 -8.39 -4.94
CA VAL A 72 -11.55 -9.06 -5.87
C VAL A 72 -10.72 -8.05 -6.69
N THR A 73 -11.15 -6.80 -6.75
CA THR A 73 -10.42 -5.81 -7.56
C THR A 73 -9.14 -5.29 -6.88
N ASN A 74 -9.04 -5.47 -5.57
CA ASN A 74 -7.81 -5.09 -4.88
C ASN A 74 -7.31 -6.11 -3.87
N ALA A 75 -8.03 -7.22 -3.75
CA ALA A 75 -7.70 -8.28 -2.78
C ALA A 75 -7.80 -7.83 -1.33
N TYR A 76 -8.50 -6.73 -1.09
CA TYR A 76 -8.50 -6.09 0.23
C TYR A 76 -9.75 -6.37 1.04
N VAL A 77 -9.57 -6.33 2.36
CA VAL A 77 -10.65 -6.48 3.32
C VAL A 77 -11.56 -5.27 3.32
N VAL A 78 -12.85 -5.46 3.03
CA VAL A 78 -13.77 -4.32 2.99
C VAL A 78 -14.67 -4.29 4.21
N GLY A 79 -14.68 -5.40 4.96
CA GLY A 79 -15.52 -5.54 6.14
C GLY A 79 -15.50 -6.96 6.65
N TYR A 80 -16.29 -7.26 7.67
CA TYR A 80 -16.39 -8.63 8.18
C TYR A 80 -17.68 -8.85 8.90
N ARG A 81 -18.04 -10.13 9.06
CA ARG A 81 -19.19 -10.54 9.84
C ARG A 81 -18.71 -11.37 11.02
N ALA A 82 -19.34 -11.17 12.17
CA ALA A 82 -19.08 -11.99 13.34
C ALA A 82 -20.44 -12.26 13.96
N GLY A 83 -20.89 -13.50 13.86
CA GLY A 83 -22.22 -13.85 14.35
C GLY A 83 -23.25 -13.01 13.64
N ASN A 84 -24.07 -12.31 14.42
CA ASN A 84 -25.20 -11.56 13.87
C ASN A 84 -24.90 -10.07 13.67
N SER A 85 -23.62 -9.75 13.50
CA SER A 85 -23.23 -8.39 13.19
C SER A 85 -22.23 -8.34 12.06
N ALA A 86 -22.33 -7.32 11.23
CA ALA A 86 -21.36 -7.10 10.17
C ALA A 86 -20.92 -5.64 10.20
N TYR A 87 -19.66 -5.41 9.85
CA TYR A 87 -19.04 -4.09 9.88
C TYR A 87 -18.30 -3.86 8.59
N PHE A 88 -18.40 -2.64 8.05
CA PHE A 88 -17.77 -2.32 6.78
C PHE A 88 -16.97 -1.05 6.91
N PHE A 89 -15.82 -0.98 6.24
CA PHE A 89 -15.11 0.29 6.18
C PHE A 89 -15.94 1.29 5.39
N HIS A 90 -15.82 2.57 5.72
CA HIS A 90 -16.50 3.61 4.94
C HIS A 90 -15.97 3.55 3.53
N PRO A 91 -16.87 3.35 2.56
CA PRO A 91 -16.51 3.31 1.13
C PRO A 91 -16.12 4.70 0.61
N ASP A 92 -15.18 4.73 -0.32
CA ASP A 92 -14.63 5.97 -0.87
C ASP A 92 -15.61 6.69 -1.80
N ASN A 93 -16.52 5.92 -2.40
CA ASN A 93 -17.37 6.44 -3.46
C ASN A 93 -18.74 5.78 -3.47
N GLN A 94 -19.65 6.30 -4.29
CA GLN A 94 -21.00 5.74 -4.37
C GLN A 94 -21.03 4.31 -4.91
N GLU A 95 -20.15 3.99 -5.86
CA GLU A 95 -20.14 2.66 -6.49
C GLU A 95 -19.79 1.60 -5.46
N ASP A 96 -18.65 1.78 -4.79
CA ASP A 96 -18.26 0.88 -3.71
C ASP A 96 -19.32 0.81 -2.61
N ALA A 97 -19.90 1.95 -2.26
CA ALA A 97 -20.98 1.99 -1.28
C ALA A 97 -22.15 1.12 -1.73
N GLU A 98 -22.52 1.23 -3.00
CA GLU A 98 -23.58 0.38 -3.53
C GLU A 98 -23.16 -1.08 -3.49
N ALA A 99 -21.89 -1.34 -3.79
CA ALA A 99 -21.41 -2.72 -3.91
C ALA A 99 -21.46 -3.51 -2.61
N ILE A 100 -21.08 -2.87 -1.49
CA ILE A 100 -21.01 -3.60 -0.23
C ILE A 100 -22.39 -3.91 0.31
N THR A 101 -23.41 -3.25 -0.21
CA THR A 101 -24.78 -3.55 0.21
C THR A 101 -25.15 -4.99 -0.14
N HIS A 102 -24.36 -5.63 -1.00
CA HIS A 102 -24.64 -7.00 -1.42
C HIS A 102 -23.99 -8.03 -0.49
N LEU A 103 -23.22 -7.54 0.48
CA LEU A 103 -22.53 -8.43 1.41
C LEU A 103 -23.30 -8.62 2.72
N PHE A 104 -23.31 -9.86 3.22
CA PHE A 104 -23.84 -10.16 4.56
C PHE A 104 -25.29 -9.68 4.74
N THR A 105 -26.15 -10.00 3.77
CA THR A 105 -27.49 -9.42 3.73
C THR A 105 -28.49 -10.07 4.69
N ASP A 106 -28.08 -11.20 5.27
CA ASP A 106 -28.94 -11.91 6.22
C ASP A 106 -28.56 -11.57 7.67
N VAL A 107 -27.44 -10.88 7.83
CA VAL A 107 -27.02 -10.41 9.15
C VAL A 107 -28.02 -9.36 9.66
N GLN A 108 -28.36 -9.44 10.94
CA GLN A 108 -29.36 -8.56 11.52
C GLN A 108 -28.82 -7.18 11.91
N ASN A 109 -27.58 -7.14 12.36
CA ASN A 109 -26.96 -5.88 12.75
C ASN A 109 -25.88 -5.48 11.75
N ARG A 110 -26.13 -4.37 11.07
CA ARG A 110 -25.25 -3.92 9.99
C ARG A 110 -24.71 -2.53 10.32
N TYR A 111 -23.39 -2.36 10.21
CA TYR A 111 -22.78 -1.06 10.56
C TYR A 111 -21.69 -0.68 9.59
N THR A 112 -21.68 0.58 9.17
CA THR A 112 -20.62 1.09 8.34
C THR A 112 -19.82 2.07 9.18
N PHE A 113 -18.54 1.76 9.41
CA PHE A 113 -17.65 2.66 10.11
C PHE A 113 -17.60 4.02 9.42
N ALA A 114 -17.46 5.09 10.19
CA ALA A 114 -17.24 6.42 9.62
C ALA A 114 -15.87 6.53 8.91
N PHE A 115 -14.91 5.71 9.35
CA PHE A 115 -13.56 5.77 8.82
C PHE A 115 -13.31 4.71 7.76
N GLY A 116 -12.34 4.96 6.89
CA GLY A 116 -11.98 3.98 5.89
C GLY A 116 -10.91 3.05 6.42
N GLY A 117 -10.50 2.10 5.58
CA GLY A 117 -9.59 1.07 6.04
C GLY A 117 -8.21 1.03 5.41
N ASN A 118 -7.77 2.13 4.81
CA ASN A 118 -6.41 2.21 4.29
C ASN A 118 -5.44 2.17 5.46
N TYR A 119 -4.19 1.79 5.22
CA TYR A 119 -3.23 1.66 6.32
C TYR A 119 -3.02 2.94 7.11
N ASP A 120 -3.10 4.08 6.45
CA ASP A 120 -2.81 5.31 7.16
C ASP A 120 -3.82 5.51 8.30
N ARG A 121 -5.08 5.21 8.02
CA ARG A 121 -6.12 5.33 9.05
C ARG A 121 -6.00 4.22 10.08
N LEU A 122 -5.75 2.99 9.65
CA LEU A 122 -5.65 1.89 10.60
C LEU A 122 -4.50 2.08 11.56
N GLU A 123 -3.37 2.54 11.04
CA GLU A 123 -2.21 2.77 11.89
C GLU A 123 -2.53 3.87 12.89
N GLN A 124 -3.10 4.96 12.40
CA GLN A 124 -3.49 6.07 13.26
C GLN A 124 -4.40 5.58 14.39
N LEU A 125 -5.44 4.85 14.01
CA LEU A 125 -6.40 4.38 15.02
C LEU A 125 -5.80 3.38 15.99
N ALA A 126 -4.88 2.57 15.50
CA ALA A 126 -4.24 1.56 16.32
C ALA A 126 -3.23 2.18 17.27
N GLY A 127 -2.73 3.37 16.91
CA GLY A 127 -1.67 3.99 17.68
C GLY A 127 -0.35 3.29 17.42
N ASN A 128 -0.28 2.56 16.32
CA ASN A 128 0.96 1.89 15.92
C ASN A 128 1.14 1.79 14.42
N LEU A 129 2.39 1.95 13.98
CA LEU A 129 2.75 1.75 12.58
C LEU A 129 2.86 0.24 12.33
N ARG A 130 2.79 -0.16 11.07
CA ARG A 130 2.96 -1.56 10.73
C ARG A 130 4.25 -2.14 11.28
N GLU A 131 5.32 -1.33 11.31
CA GLU A 131 6.64 -1.78 11.78
CA GLU A 131 6.61 -1.84 11.75
C GLU A 131 6.63 -2.23 13.23
N ASN A 132 5.58 -1.86 13.95
CA ASN A 132 5.53 -2.15 15.37
C ASN A 132 4.38 -3.07 15.76
N ILE A 133 3.81 -3.75 14.77
CA ILE A 133 2.73 -4.69 15.00
C ILE A 133 3.15 -6.09 14.56
N GLU A 134 3.20 -7.02 15.51
CA GLU A 134 3.69 -8.37 15.24
C GLU A 134 2.74 -9.18 14.38
N LEU A 135 3.31 -9.97 13.46
CA LEU A 135 2.56 -10.88 12.59
C LEU A 135 2.94 -12.34 12.86
N GLY A 136 2.08 -13.26 12.43
CA GLY A 136 2.28 -14.67 12.71
C GLY A 136 0.97 -15.30 13.15
N ASN A 137 0.98 -16.62 13.39
CA ASN A 137 -0.24 -17.33 13.78
C ASN A 137 -0.82 -16.82 15.10
N GLY A 138 0.06 -16.53 16.06
CA GLY A 138 -0.40 -16.01 17.34
C GLY A 138 -1.18 -14.72 17.16
N PRO A 139 -0.55 -13.69 16.57
CA PRO A 139 -1.24 -12.44 16.29
C PRO A 139 -2.55 -12.64 15.53
N LEU A 140 -2.56 -13.53 14.54
CA LEU A 140 -3.79 -13.80 13.80
C LEU A 140 -4.86 -14.38 14.74
N GLU A 141 -4.46 -15.33 15.58
CA GLU A 141 -5.36 -15.91 16.58
C GLU A 141 -6.01 -14.81 17.42
N GLU A 142 -5.19 -13.87 17.85
CA GLU A 142 -5.68 -12.82 18.73
C GLU A 142 -6.57 -11.84 18.01
N ALA A 143 -6.28 -11.59 16.73
CA ALA A 143 -7.04 -10.60 15.98
C ALA A 143 -8.44 -11.10 15.73
N ILE A 144 -8.53 -12.40 15.47
CA ILE A 144 -9.81 -13.04 15.21
C ILE A 144 -10.70 -12.88 16.43
N SER A 145 -10.14 -13.12 17.61
CA SER A 145 -10.89 -12.94 18.85
C SER A 145 -11.31 -11.49 19.03
N ALA A 146 -10.37 -10.57 18.84
CA ALA A 146 -10.68 -9.14 18.95
C ALA A 146 -11.79 -8.72 17.99
N LEU A 147 -11.69 -9.16 16.75
CA LEU A 147 -12.74 -8.86 15.78
C LEU A 147 -14.08 -9.43 16.24
N TYR A 148 -14.05 -10.65 16.78
CA TYR A 148 -15.27 -11.32 17.16
C TYR A 148 -15.97 -10.54 18.29
N TYR A 149 -15.18 -9.92 19.14
CA TYR A 149 -15.76 -9.35 20.35
C TYR A 149 -16.13 -7.90 20.22
N TYR A 150 -15.87 -7.31 19.05
CA TYR A 150 -16.16 -5.89 18.90
C TYR A 150 -17.63 -5.56 19.16
N SER A 151 -18.54 -6.37 18.60
CA SER A 151 -19.97 -6.04 18.61
C SER A 151 -20.61 -5.97 20.00
N THR A 152 -20.00 -6.64 20.98
CA THR A 152 -20.51 -6.61 22.35
C THR A 152 -19.64 -5.78 23.29
N GLY A 153 -18.78 -4.95 22.73
CA GLY A 153 -17.98 -4.05 23.53
C GLY A 153 -16.82 -4.70 24.27
N GLY A 154 -16.39 -5.85 23.79
CA GLY A 154 -15.27 -6.56 24.41
C GLY A 154 -13.96 -6.12 23.80
N THR A 155 -14.06 -5.30 22.75
CA THR A 155 -12.88 -4.85 22.01
C THR A 155 -12.97 -3.36 21.76
N GLN A 156 -11.90 -2.65 22.09
CA GLN A 156 -11.83 -1.21 21.87
C GLN A 156 -11.34 -0.91 20.46
N LEU A 157 -11.64 0.28 19.96
CA LEU A 157 -11.35 0.60 18.56
C LEU A 157 -9.89 0.40 18.16
N PRO A 158 -8.94 0.81 19.02
CA PRO A 158 -7.55 0.73 18.56
C PRO A 158 -7.11 -0.72 18.42
N THR A 159 -7.61 -1.60 19.29
CA THR A 159 -7.31 -3.02 19.20
C THR A 159 -7.92 -3.61 17.93
N LEU A 160 -9.11 -3.12 17.59
CA LEU A 160 -9.77 -3.55 16.37
C LEU A 160 -8.96 -3.12 15.14
N ALA A 161 -8.42 -1.90 15.16
CA ALA A 161 -7.62 -1.43 14.02
C ALA A 161 -6.37 -2.29 13.87
N ARG A 162 -5.69 -2.54 14.98
CA ARG A 162 -4.51 -3.38 14.97
C ARG A 162 -4.85 -4.75 14.41
N SER A 163 -5.99 -5.30 14.83
CA SER A 163 -6.44 -6.60 14.33
C SER A 163 -6.65 -6.59 12.83
N PHE A 164 -7.23 -5.51 12.32
CA PHE A 164 -7.42 -5.39 10.87
C PHE A 164 -6.07 -5.39 10.17
N ILE A 165 -5.11 -4.66 10.74
CA ILE A 165 -3.76 -4.60 10.19
C ILE A 165 -3.10 -5.97 10.10
N ILE A 166 -3.33 -6.81 11.11
CA ILE A 166 -2.78 -8.16 11.08
C ILE A 166 -3.45 -9.02 10.02
N CYS A 167 -4.78 -9.02 10.02
CA CYS A 167 -5.52 -9.82 9.05
C CYS A 167 -5.17 -9.45 7.61
N ILE A 168 -5.14 -8.15 7.36
CA ILE A 168 -4.92 -7.64 6.01
C ILE A 168 -3.55 -8.08 5.48
N GLN A 169 -2.52 -8.02 6.30
CA GLN A 169 -1.20 -8.40 5.84
C GLN A 169 -1.05 -9.90 5.68
N MET A 170 -1.65 -10.68 6.57
CA MET A 170 -1.47 -12.13 6.53
C MET A 170 -2.35 -12.79 5.48
N ILE A 171 -3.33 -12.04 4.98
CA ILE A 171 -4.22 -12.57 3.97
C ILE A 171 -4.12 -11.78 2.67
N SER A 172 -4.52 -10.51 2.69
CA SER A 172 -4.44 -9.65 1.51
C SER A 172 -3.02 -9.51 0.97
N GLU A 173 -2.09 -9.10 1.81
CA GLU A 173 -0.73 -8.88 1.31
C GLU A 173 -0.04 -10.19 0.93
N ALA A 174 -0.34 -11.27 1.64
CA ALA A 174 0.25 -12.55 1.32
C ALA A 174 -0.24 -13.04 -0.04
N ALA A 175 -1.50 -12.77 -0.34
CA ALA A 175 -2.05 -13.16 -1.63
C ALA A 175 -1.39 -12.33 -2.72
N ARG A 176 -1.21 -11.04 -2.47
CA ARG A 176 -0.62 -10.13 -3.44
C ARG A 176 0.85 -10.42 -3.77
N PHE A 177 1.60 -10.92 -2.79
CA PHE A 177 3.06 -11.04 -2.91
C PHE A 177 3.56 -12.40 -2.45
N GLN A 178 4.13 -13.21 -3.34
CA GLN A 178 4.74 -14.47 -2.91
C GLN A 178 5.74 -14.20 -1.81
N TYR A 179 6.37 -13.03 -1.87
CA TYR A 179 7.41 -12.69 -0.90
C TYR A 179 6.83 -12.62 0.50
N ILE A 180 5.68 -11.97 0.60
CA ILE A 180 5.08 -11.79 1.92
C ILE A 180 4.43 -13.09 2.41
N GLU A 181 3.79 -13.84 1.51
CA GLU A 181 3.38 -15.20 1.83
C GLU A 181 4.55 -15.96 2.44
N GLY A 182 5.72 -15.80 1.84
CA GLY A 182 6.92 -16.48 2.31
C GLY A 182 7.33 -16.04 3.70
N GLU A 183 7.20 -14.75 3.97
CA GLU A 183 7.47 -14.22 5.31
C GLU A 183 6.55 -14.87 6.35
N MET A 184 5.27 -15.05 6.02
CA MET A 184 4.34 -15.64 6.97
C MET A 184 4.58 -17.13 7.13
N ARG A 185 4.86 -17.81 6.01
CA ARG A 185 5.19 -19.22 6.03
C ARG A 185 6.37 -19.46 6.98
N THR A 186 7.38 -18.62 6.88
CA THR A 186 8.54 -18.70 7.77
C THR A 186 8.13 -18.56 9.25
N ARG A 187 7.34 -17.54 9.56
CA ARG A 187 6.89 -17.35 10.93
C ARG A 187 6.12 -18.59 11.40
N ILE A 188 5.21 -19.07 10.56
CA ILE A 188 4.43 -20.24 10.92
C ILE A 188 5.33 -21.45 11.10
N ARG A 189 6.26 -21.65 10.18
CA ARG A 189 7.15 -22.80 10.23
C ARG A 189 7.93 -22.87 11.54
N TYR A 190 8.41 -21.72 12.00
CA TYR A 190 9.24 -21.70 13.20
C TYR A 190 8.48 -21.24 14.42
N ASN A 191 7.16 -21.27 14.34
CA ASN A 191 6.28 -20.84 15.43
C ASN A 191 6.75 -19.52 16.06
N ARG A 192 6.90 -18.49 15.24
CA ARG A 192 7.38 -17.21 15.72
C ARG A 192 6.47 -16.08 15.30
N ARG A 193 6.38 -15.05 16.14
CA ARG A 193 5.73 -13.80 15.75
C ARG A 193 6.76 -12.69 15.68
N SER A 194 6.55 -11.76 14.76
CA SER A 194 7.50 -10.66 14.58
C SER A 194 6.87 -9.62 13.69
N ALA A 195 7.23 -8.36 13.92
CA ALA A 195 6.80 -7.28 13.03
C ALA A 195 7.43 -7.48 11.65
N PRO A 196 6.75 -6.99 10.61
CA PRO A 196 7.31 -7.05 9.25
C PRO A 196 8.49 -6.08 9.13
N ASP A 197 9.52 -6.50 8.40
CA ASP A 197 10.71 -5.67 8.25
C ASP A 197 10.52 -4.69 7.08
N PRO A 198 11.48 -3.78 6.89
CA PRO A 198 11.33 -2.76 5.84
C PRO A 198 11.05 -3.34 4.44
N SER A 199 11.53 -4.55 4.15
CA SER A 199 11.33 -5.09 2.80
C SER A 199 9.83 -5.31 2.60
N VAL A 200 9.18 -5.90 3.60
CA VAL A 200 7.74 -6.14 3.53
C VAL A 200 6.94 -4.84 3.48
N ILE A 201 7.26 -3.90 4.37
CA ILE A 201 6.55 -2.64 4.44
C ILE A 201 6.64 -1.87 3.11
N THR A 202 7.85 -1.78 2.58
CA THR A 202 8.05 -1.05 1.34
C THR A 202 7.40 -1.75 0.14
N LEU A 203 7.43 -3.08 0.10
CA LEU A 203 6.62 -3.79 -0.88
C LEU A 203 5.15 -3.42 -0.79
N GLU A 204 4.60 -3.45 0.41
CA GLU A 204 3.20 -3.09 0.59
C GLU A 204 2.96 -1.68 0.09
N ASN A 205 3.85 -0.75 0.44
CA ASN A 205 3.69 0.62 0.03
C ASN A 205 3.76 0.76 -1.50
N SER A 206 4.39 -0.22 -2.14
CA SER A 206 4.71 -0.10 -3.56
C SER A 206 3.80 -0.92 -4.48
N TRP A 207 2.76 -1.54 -3.94
CA TRP A 207 1.91 -2.40 -4.77
C TRP A 207 1.32 -1.64 -5.96
N GLY A 208 0.77 -0.45 -5.71
CA GLY A 208 0.29 0.40 -6.78
C GLY A 208 1.38 0.79 -7.77
N ARG A 209 2.53 1.27 -7.28
CA ARG A 209 3.63 1.64 -8.18
C ARG A 209 4.12 0.49 -9.07
N LEU A 210 4.28 -0.69 -8.47
CA LEU A 210 4.74 -1.86 -9.20
C LEU A 210 3.70 -2.27 -10.24
N SER A 211 2.42 -2.28 -9.83
CA SER A 211 1.33 -2.60 -10.76
C SER A 211 1.34 -1.65 -11.97
N THR A 212 1.45 -0.35 -11.69
CA THR A 212 1.48 0.62 -12.77
C THR A 212 2.73 0.45 -13.65
N ALA A 213 3.89 0.30 -13.02
CA ALA A 213 5.14 0.26 -13.77
C ALA A 213 5.17 -0.94 -14.71
N ILE A 214 4.73 -2.07 -14.20
CA ILE A 214 4.74 -3.29 -15.00
C ILE A 214 3.77 -3.18 -16.16
N GLN A 215 2.55 -2.75 -15.87
CA GLN A 215 1.52 -2.68 -16.90
C GLN A 215 1.73 -1.58 -17.94
N GLU A 216 2.39 -0.49 -17.55
CA GLU A 216 2.69 0.60 -18.49
C GLU A 216 4.07 0.45 -19.13
N SER A 217 4.80 -0.60 -18.73
CA SER A 217 6.20 -0.73 -19.12
C SER A 217 6.35 -0.85 -20.63
N ASN A 218 7.47 -0.33 -21.13
CA ASN A 218 7.84 -0.52 -22.52
C ASN A 218 8.49 -1.88 -22.68
N GLN A 219 7.69 -2.90 -23.00
CA GLN A 219 8.23 -4.22 -23.23
C GLN A 219 9.05 -4.67 -22.05
N GLY A 220 8.49 -4.52 -20.85
CA GLY A 220 9.15 -4.96 -19.63
C GLY A 220 9.98 -3.91 -18.93
N ALA A 221 10.34 -2.84 -19.65
CA ALA A 221 11.22 -1.80 -19.12
C ALA A 221 10.45 -0.68 -18.45
N PHE A 222 10.74 -0.43 -17.17
CA PHE A 222 10.09 0.64 -16.43
C PHE A 222 10.40 2.03 -16.98
N ALA A 223 9.39 2.88 -17.07
CA ALA A 223 9.57 4.26 -17.49
C ALA A 223 10.42 5.03 -16.48
N SER A 224 10.32 4.64 -15.21
CA SER A 224 11.18 5.17 -14.15
C SER A 224 11.49 4.02 -13.19
N PRO A 225 12.67 4.04 -12.55
CA PRO A 225 12.99 2.99 -11.57
C PRO A 225 12.16 3.12 -10.30
N ILE A 226 11.82 1.98 -9.70
CA ILE A 226 11.11 1.97 -8.42
C ILE A 226 12.07 1.51 -7.32
N GLN A 227 12.15 2.28 -6.25
CA GLN A 227 13.03 1.92 -5.15
C GLN A 227 12.32 0.99 -4.15
N LEU A 228 12.99 -0.10 -3.81
CA LEU A 228 12.50 -1.03 -2.81
C LEU A 228 13.52 -1.13 -1.68
N GLN A 229 13.21 -1.87 -0.63
CA GLN A 229 14.15 -2.02 0.47
C GLN A 229 14.51 -3.47 0.74
N ARG A 230 15.76 -3.68 1.13
CA ARG A 230 16.22 -4.99 1.60
C ARG A 230 15.74 -5.19 3.02
N ARG A 231 15.83 -6.42 3.50
CA ARG A 231 15.49 -6.74 4.87
C ARG A 231 16.19 -5.83 5.88
N ASN A 232 17.44 -5.47 5.58
CA ASN A 232 18.20 -4.61 6.48
C ASN A 232 17.87 -3.13 6.35
N GLY A 233 16.87 -2.83 5.51
CA GLY A 233 16.45 -1.46 5.30
C GLY A 233 17.16 -0.69 4.18
N SER A 234 18.29 -1.20 3.71
CA SER A 234 19.02 -0.52 2.64
C SER A 234 18.15 -0.44 1.40
N LYS A 235 18.46 0.50 0.50
CA LYS A 235 17.64 0.73 -0.68
C LYS A 235 18.25 0.20 -1.98
N PHE A 236 17.39 -0.29 -2.87
CA PHE A 236 17.84 -0.67 -4.21
C PHE A 236 16.75 -0.36 -5.23
N SER A 237 17.15 -0.21 -6.49
CA SER A 237 16.18 0.17 -7.52
C SER A 237 15.84 -0.99 -8.44
N VAL A 238 14.59 -1.04 -8.86
CA VAL A 238 14.14 -2.03 -9.83
C VAL A 238 13.83 -1.30 -11.13
N TYR A 239 14.27 -1.86 -12.26
CA TYR A 239 14.17 -1.15 -13.53
C TYR A 239 13.29 -1.85 -14.56
N ASP A 240 12.87 -3.06 -14.24
CA ASP A 240 12.11 -3.87 -15.17
C ASP A 240 11.30 -4.94 -14.46
N VAL A 241 10.42 -5.60 -15.20
CA VAL A 241 9.46 -6.52 -14.60
C VAL A 241 10.08 -7.83 -14.14
N SER A 242 11.13 -8.26 -14.84
CA SER A 242 11.66 -9.61 -14.65
C SER A 242 12.08 -9.95 -13.21
N ILE A 243 12.82 -9.07 -12.56
CA ILE A 243 13.23 -9.35 -11.20
C ILE A 243 12.04 -9.46 -10.22
N LEU A 244 10.86 -8.97 -10.63
CA LEU A 244 9.70 -8.94 -9.73
C LEU A 244 8.80 -10.17 -9.87
N ILE A 245 9.08 -11.00 -10.87
CA ILE A 245 8.23 -12.15 -11.12
C ILE A 245 8.10 -13.09 -9.92
N PRO A 246 9.20 -13.36 -9.19
CA PRO A 246 9.07 -14.23 -7.99
C PRO A 246 8.52 -13.52 -6.77
N ILE A 247 8.32 -12.21 -6.85
CA ILE A 247 7.98 -11.41 -5.68
C ILE A 247 6.50 -11.08 -5.64
N ILE A 248 5.95 -10.71 -6.79
CA ILE A 248 4.57 -10.26 -6.87
C ILE A 248 3.69 -11.32 -7.50
N ALA A 249 2.54 -11.55 -6.88
CA ALA A 249 1.66 -12.63 -7.26
C ALA A 249 0.40 -12.14 -7.97
N LEU A 250 0.02 -10.91 -7.68
CA LEU A 250 -1.19 -10.30 -8.22
C LEU A 250 -0.95 -8.80 -8.38
N MET A 251 -1.52 -8.22 -9.43
CA MET A 251 -1.44 -6.78 -9.64
C MET A 251 -2.84 -6.16 -9.66
N VAL A 252 -2.96 -4.93 -9.16
CA VAL A 252 -4.23 -4.24 -9.31
C VAL A 252 -4.35 -3.84 -10.76
N TYR A 253 -5.56 -3.91 -11.32
CA TYR A 253 -5.75 -3.52 -12.71
C TYR A 253 -5.49 -2.02 -12.92
N ARG A 254 -4.70 -1.70 -13.94
CA ARG A 254 -4.38 -0.31 -14.26
C ARG A 254 -4.85 0.07 -15.66
N CYS A 255 -4.51 -0.77 -16.63
CA CYS A 255 -4.85 -0.48 -18.01
C CYS A 255 -4.92 -1.78 -18.81
N ALA A 256 -5.46 -1.70 -20.02
CA ALA A 256 -5.54 -2.86 -20.90
C ALA A 256 -4.23 -3.12 -21.65
N PRO A 257 -3.86 -4.41 -21.79
CA PRO A 257 -2.67 -4.82 -22.52
C PRO A 257 -2.94 -4.84 -24.03
N PRO A 258 -1.89 -4.93 -24.85
CA PRO A 258 -2.09 -5.15 -26.29
C PRO A 258 -2.41 -6.62 -26.52
N PRO A 259 -2.80 -6.99 -27.75
CA PRO A 259 -3.13 -8.38 -28.08
C PRO A 259 -2.02 -9.36 -27.70
N GLN B 1 -8.74 13.59 -8.34
CA GLN B 1 -7.48 13.88 -9.02
C GLN B 1 -6.74 15.05 -8.37
N VAL B 2 -5.74 14.72 -7.57
CA VAL B 2 -4.92 15.70 -6.89
C VAL B 2 -4.06 16.53 -7.86
N GLN B 3 -3.99 17.83 -7.64
CA GLN B 3 -3.10 18.69 -8.43
C GLN B 3 -1.95 19.20 -7.57
N LEU B 4 -0.74 19.17 -8.13
CA LEU B 4 0.45 19.65 -7.44
C LEU B 4 1.10 20.74 -8.29
N ALA B 5 1.51 21.82 -7.65
CA ALA B 5 2.09 22.97 -8.35
C ALA B 5 3.43 23.32 -7.75
N GLU B 6 4.48 23.32 -8.58
CA GLU B 6 5.84 23.60 -8.11
C GLU B 6 6.31 24.99 -8.52
N THR B 7 7.09 25.63 -7.65
CA THR B 7 7.72 26.93 -7.91
C THR B 7 9.14 26.90 -7.36
N GLY B 8 9.97 27.85 -7.77
CA GLY B 8 11.31 28.01 -7.20
C GLY B 8 12.46 27.69 -8.14
N GLY B 9 12.16 27.07 -9.27
CA GLY B 9 13.20 26.69 -10.22
C GLY B 9 13.84 27.91 -10.84
N GLY B 10 15.06 27.73 -11.36
CA GLY B 10 15.74 28.81 -12.04
C GLY B 10 17.21 28.51 -12.25
N LEU B 11 17.95 29.54 -12.64
CA LEU B 11 19.36 29.41 -12.96
C LEU B 11 20.19 30.05 -11.85
N VAL B 12 21.10 29.27 -11.26
CA VAL B 12 21.99 29.75 -10.22
C VAL B 12 23.45 29.46 -10.56
N GLN B 13 24.37 30.15 -9.89
CA GLN B 13 25.79 29.86 -10.02
C GLN B 13 26.16 28.80 -8.99
N PRO B 14 27.29 28.11 -9.18
CA PRO B 14 27.77 27.15 -8.19
C PRO B 14 27.85 27.75 -6.79
N GLY B 15 27.48 26.96 -5.78
CA GLY B 15 27.43 27.45 -4.41
C GLY B 15 26.12 28.17 -4.15
N GLY B 16 25.32 28.31 -5.20
CA GLY B 16 24.03 28.97 -5.09
C GLY B 16 22.99 28.12 -4.37
N ALA B 17 21.78 28.65 -4.30
CA ALA B 17 20.73 28.03 -3.50
C ALA B 17 19.38 28.15 -4.18
N ARG B 18 18.46 27.26 -3.84
CA ARG B 18 17.09 27.32 -4.35
C ARG B 18 16.16 26.94 -3.23
N THR B 19 14.94 27.46 -3.27
CA THR B 19 13.86 26.95 -2.41
C THR B 19 12.72 26.50 -3.31
N LEU B 20 12.53 25.20 -3.41
CA LEU B 20 11.42 24.69 -4.20
C LEU B 20 10.23 24.54 -3.30
N SER B 21 9.06 24.94 -3.78
CA SER B 21 7.83 24.80 -3.01
C SER B 21 6.83 24.00 -3.84
N CYS B 22 6.09 23.12 -3.17
CA CYS B 22 5.05 22.36 -3.86
C CYS B 22 3.70 22.64 -3.19
N ALA B 23 2.76 23.21 -3.93
CA ALA B 23 1.41 23.42 -3.41
C ALA B 23 0.48 22.29 -3.87
N ALA B 24 -0.42 21.87 -2.99
CA ALA B 24 -1.34 20.76 -3.33
C ALA B 24 -2.80 21.21 -3.35
N SER B 25 -3.62 20.51 -4.14
CA SER B 25 -5.04 20.83 -4.25
C SER B 25 -5.85 20.31 -3.07
N GLU B 26 -5.18 19.66 -2.13
CA GLU B 26 -5.83 19.31 -0.87
C GLU B 26 -4.84 19.31 0.28
N SER B 27 -5.36 19.19 1.49
CA SER B 27 -4.52 19.19 2.68
C SER B 27 -3.37 18.22 2.51
N ILE B 28 -2.15 18.68 2.74
CA ILE B 28 -1.00 17.78 2.65
C ILE B 28 -1.04 16.62 3.66
N SER B 29 -1.87 16.74 4.69
CA SER B 29 -1.99 15.67 5.66
C SER B 29 -2.79 14.52 5.07
N SER B 30 -3.47 14.79 3.94
CA SER B 30 -4.18 13.73 3.23
C SER B 30 -3.19 12.70 2.69
N PHE B 31 -1.93 13.11 2.55
CA PHE B 31 -0.91 12.25 1.94
C PHE B 31 -0.07 11.50 2.95
N TYR B 32 0.15 10.22 2.67
CA TYR B 32 0.98 9.38 3.53
C TYR B 32 2.45 9.78 3.39
N PHE B 33 2.86 10.14 2.17
CA PHE B 33 4.19 10.66 1.92
C PHE B 33 4.06 11.83 0.95
N MET B 34 4.98 12.77 1.07
CA MET B 34 5.20 13.67 -0.06
C MET B 34 6.69 13.65 -0.35
N GLY B 35 7.08 13.91 -1.60
CA GLY B 35 8.48 13.84 -1.91
C GLY B 35 8.96 14.80 -2.99
N TRP B 36 10.27 14.85 -3.16
CA TRP B 36 10.88 15.54 -4.29
C TRP B 36 11.75 14.54 -5.04
N TYR B 37 11.63 14.53 -6.36
CA TYR B 37 12.43 13.66 -7.21
C TYR B 37 13.08 14.56 -8.25
N ARG B 38 14.12 14.05 -8.88
CA ARG B 38 14.78 14.84 -9.91
C ARG B 38 15.23 13.96 -11.05
N GLN B 39 15.17 14.52 -12.25
CA GLN B 39 15.62 13.80 -13.42
C GLN B 39 16.72 14.61 -14.04
N ALA B 40 17.96 14.16 -13.86
CA ALA B 40 19.13 14.84 -14.38
C ALA B 40 19.37 14.39 -15.82
N PRO B 41 20.12 15.20 -16.58
CA PRO B 41 20.46 14.88 -17.96
C PRO B 41 20.98 13.44 -18.13
N GLY B 42 20.39 12.70 -19.06
CA GLY B 42 20.82 11.34 -19.33
C GLY B 42 20.36 10.32 -18.30
N LYS B 43 19.92 10.78 -17.15
CA LYS B 43 19.57 9.88 -16.06
C LYS B 43 18.07 9.67 -15.93
N PRO B 44 17.66 8.57 -15.26
CA PRO B 44 16.24 8.34 -14.99
C PRO B 44 15.81 9.18 -13.77
N ARG B 45 14.51 9.41 -13.65
CA ARG B 45 13.99 10.12 -12.49
C ARG B 45 14.39 9.39 -11.21
N GLU B 46 14.93 10.12 -10.24
CA GLU B 46 15.38 9.50 -8.99
C GLU B 46 14.91 10.26 -7.74
N LEU B 47 14.87 9.56 -6.61
CA LEU B 47 14.47 10.15 -5.35
C LEU B 47 15.47 11.19 -4.83
N VAL B 48 14.97 12.37 -4.47
CA VAL B 48 15.76 13.37 -3.76
C VAL B 48 15.44 13.30 -2.27
N ALA B 49 14.17 13.35 -1.92
CA ALA B 49 13.77 13.31 -0.52
C ALA B 49 12.31 12.95 -0.37
N GLU B 50 12.00 12.20 0.69
CA GLU B 50 10.61 11.88 1.00
C GLU B 50 10.36 12.20 2.47
N ILE B 51 9.16 12.68 2.77
CA ILE B 51 8.75 12.89 4.16
C ILE B 51 7.38 12.31 4.40
N SER B 52 7.21 11.62 5.53
CA SER B 52 5.93 10.98 5.82
C SER B 52 5.04 11.90 6.65
N ASN B 53 3.80 11.48 6.86
CA ASN B 53 2.86 12.26 7.64
C ASN B 53 3.29 12.44 9.10
N TYR B 54 4.28 11.67 9.53
CA TYR B 54 4.76 11.74 10.91
C TYR B 54 6.19 12.25 11.06
N GLY B 55 6.69 12.91 10.02
CA GLY B 55 7.98 13.55 10.10
C GLY B 55 9.17 12.64 9.89
N ARG B 56 8.92 11.42 9.43
CA ARG B 56 10.03 10.55 9.02
C ARG B 56 10.51 11.03 7.65
N THR B 57 11.82 11.16 7.50
CA THR B 57 12.42 11.60 6.24
C THR B 57 13.39 10.56 5.72
N ASP B 58 13.59 10.56 4.41
CA ASP B 58 14.63 9.78 3.77
C ASP B 58 15.14 10.62 2.61
N TYR B 59 16.43 10.48 2.31
CA TYR B 59 17.07 11.28 1.29
C TYR B 59 17.86 10.40 0.34
N GLY B 60 17.90 10.79 -0.93
CA GLY B 60 18.77 10.14 -1.89
C GLY B 60 20.19 10.18 -1.35
N ASP B 61 21.00 9.20 -1.73
CA ASP B 61 22.39 9.14 -1.29
C ASP B 61 23.11 10.46 -1.48
N SER B 62 23.74 10.94 -0.41
CA SER B 62 24.61 12.13 -0.46
C SER B 62 23.89 13.47 -0.43
N LEU B 63 22.56 13.46 -0.33
CA LEU B 63 21.79 14.70 -0.34
C LEU B 63 21.41 15.16 1.08
N LYS B 64 21.63 14.30 2.06
CA LYS B 64 21.42 14.69 3.44
C LYS B 64 22.52 15.68 3.83
N GLY B 65 22.11 16.80 4.42
CA GLY B 65 23.05 17.84 4.77
C GLY B 65 23.15 18.93 3.71
N ARG B 66 22.75 18.60 2.49
CA ARG B 66 22.75 19.57 1.39
C ARG B 66 21.34 20.07 1.14
N PHE B 67 20.40 19.12 1.02
CA PHE B 67 19.01 19.44 0.78
C PHE B 67 18.21 19.17 2.06
N THR B 68 17.11 19.89 2.23
CA THR B 68 16.21 19.65 3.35
C THR B 68 14.79 19.65 2.82
N ILE B 69 14.07 18.58 3.08
CA ILE B 69 12.66 18.57 2.75
C ILE B 69 11.88 18.90 4.02
N SER B 70 10.86 19.74 3.89
CA SER B 70 10.06 20.15 5.04
C SER B 70 8.61 20.43 4.68
N ARG B 71 7.71 20.24 5.64
CA ARG B 71 6.31 20.55 5.39
C ARG B 71 5.95 21.89 6.02
N ASP B 72 5.02 22.60 5.40
CA ASP B 72 4.48 23.81 5.96
C ASP B 72 2.98 23.66 6.04
N ASN B 73 2.46 23.28 7.20
CA ASN B 73 1.06 22.92 7.29
C ASN B 73 0.14 24.12 7.15
N ALA B 74 0.61 25.29 7.56
CA ALA B 74 -0.16 26.52 7.38
C ALA B 74 -0.30 26.85 5.90
N ALA B 75 0.83 26.89 5.19
CA ALA B 75 0.81 27.19 3.76
C ALA B 75 0.31 26.00 2.96
N ASN B 76 0.26 24.83 3.58
CA ASN B 76 -0.12 23.62 2.88
C ASN B 76 0.84 23.28 1.74
N THR B 77 2.14 23.25 2.04
CA THR B 77 3.14 22.99 1.03
C THR B 77 4.19 22.04 1.57
N VAL B 78 4.93 21.42 0.65
CA VAL B 78 6.11 20.67 1.00
C VAL B 78 7.22 21.34 0.23
N ASN B 79 8.35 21.54 0.90
CA ASN B 79 9.38 22.39 0.36
C ASN B 79 10.72 21.71 0.32
N LEU B 80 11.57 22.14 -0.61
CA LEU B 80 12.91 21.59 -0.71
C LEU B 80 13.92 22.73 -0.68
N GLN B 81 14.64 22.86 0.42
CA GLN B 81 15.73 23.83 0.48
C GLN B 81 16.98 23.17 -0.09
N MET B 82 17.60 23.82 -1.07
CA MET B 82 18.75 23.28 -1.80
C MET B 82 19.94 24.20 -1.67
N ASN B 83 20.95 23.79 -0.90
CA ASN B 83 22.09 24.65 -0.62
C ASN B 83 23.39 24.16 -1.26
N ASN B 84 24.29 25.10 -1.49
CA ASN B 84 25.61 24.87 -2.07
C ASN B 84 25.56 24.06 -3.36
N LEU B 85 24.83 24.58 -4.34
CA LEU B 85 24.53 23.84 -5.57
C LEU B 85 25.71 23.72 -6.51
N ALA B 86 25.72 22.64 -7.26
CA ALA B 86 26.79 22.34 -8.21
C ALA B 86 26.17 21.93 -9.53
N PRO B 87 26.96 21.93 -10.60
CA PRO B 87 26.41 21.49 -11.89
C PRO B 87 25.74 20.12 -11.81
N GLU B 88 26.25 19.23 -10.96
CA GLU B 88 25.66 17.91 -10.78
C GLU B 88 24.20 17.95 -10.34
N ASP B 89 23.78 19.09 -9.80
CA ASP B 89 22.42 19.22 -9.28
C ASP B 89 21.44 19.69 -10.36
N THR B 90 21.95 19.97 -11.55
CA THR B 90 21.08 20.37 -12.63
C THR B 90 20.10 19.27 -13.01
N ALA B 91 18.82 19.60 -13.01
CA ALA B 91 17.82 18.58 -13.26
C ALA B 91 16.43 19.20 -13.30
N LEU B 92 15.46 18.43 -13.77
CA LEU B 92 14.07 18.79 -13.59
C LEU B 92 13.64 18.17 -12.26
N TYR B 93 13.16 19.00 -11.33
CA TYR B 93 12.68 18.53 -10.03
C TYR B 93 11.16 18.38 -9.99
N TYR B 94 10.68 17.26 -9.47
CA TYR B 94 9.25 16.99 -9.43
C TYR B 94 8.75 16.83 -8.01
N CYS B 95 7.62 17.47 -7.70
CA CYS B 95 6.90 17.21 -6.45
C CYS B 95 6.11 15.92 -6.60
N ASN B 96 6.05 15.14 -5.53
CA ASN B 96 5.32 13.87 -5.50
C ASN B 96 4.43 13.85 -4.27
N ALA B 97 3.20 13.37 -4.42
CA ALA B 97 2.33 13.16 -3.27
C ALA B 97 1.77 11.76 -3.39
N ARG B 98 1.74 11.04 -2.27
CA ARG B 98 1.31 9.64 -2.26
C ARG B 98 0.14 9.46 -1.30
N LYS B 99 -1.00 9.02 -1.85
CA LYS B 99 -2.24 8.97 -1.10
C LYS B 99 -2.84 7.59 -1.18
N TRP B 100 -3.24 7.05 -0.04
CA TRP B 100 -3.94 5.76 -0.04
C TRP B 100 -5.33 5.96 -0.62
N GLU B 101 -5.64 5.21 -1.67
CA GLU B 101 -6.96 5.23 -2.27
C GLU B 101 -7.38 3.78 -2.58
N ARG B 102 -8.48 3.35 -1.97
CA ARG B 102 -8.96 1.99 -2.16
C ARG B 102 -7.86 0.97 -1.91
N SER B 103 -7.10 1.20 -0.84
CA SER B 103 -6.07 0.28 -0.36
C SER B 103 -4.80 0.33 -1.22
N VAL B 104 -4.77 1.23 -2.19
CA VAL B 104 -3.60 1.37 -3.07
C VAL B 104 -2.94 2.73 -2.82
N LEU B 105 -1.63 2.72 -2.61
CA LEU B 105 -0.92 3.99 -2.42
C LEU B 105 -0.61 4.62 -3.77
N GLU B 106 -1.43 5.60 -4.16
CA GLU B 106 -1.34 6.20 -5.49
C GLU B 106 -0.37 7.40 -5.52
N ASP B 107 0.31 7.56 -6.66
CA ASP B 107 1.23 8.69 -6.87
C ASP B 107 0.62 9.84 -7.65
N TYR B 108 0.92 11.06 -7.21
CA TYR B 108 0.55 12.25 -7.97
C TYR B 108 1.83 13.01 -8.17
N TRP B 109 1.92 13.72 -9.30
CA TRP B 109 3.17 14.35 -9.70
C TRP B 109 2.88 15.74 -10.21
N GLY B 110 3.75 16.68 -9.84
CA GLY B 110 3.72 18.01 -10.45
C GLY B 110 4.30 17.94 -11.85
N GLN B 111 4.24 19.06 -12.57
CA GLN B 111 4.77 19.12 -13.94
C GLN B 111 6.29 19.25 -13.94
N GLY B 112 6.85 19.63 -12.79
CA GLY B 112 8.29 19.81 -12.67
C GLY B 112 8.79 21.24 -12.74
N THR B 113 9.91 21.49 -12.08
CA THR B 113 10.57 22.80 -12.11
CA THR B 113 10.57 22.80 -12.17
C THR B 113 12.05 22.60 -12.39
N GLN B 114 12.58 23.30 -13.39
CA GLN B 114 13.97 23.16 -13.78
C GLN B 114 14.88 23.91 -12.84
N VAL B 115 15.94 23.25 -12.41
CA VAL B 115 17.01 23.94 -11.69
C VAL B 115 18.25 23.76 -12.53
N THR B 116 18.90 24.87 -12.88
CA THR B 116 20.13 24.80 -13.66
C THR B 116 21.26 25.50 -12.92
N VAL B 117 22.36 24.78 -12.72
CA VAL B 117 23.54 25.35 -12.09
C VAL B 117 24.63 25.56 -13.13
N SER B 118 24.97 26.82 -13.40
CA SER B 118 25.97 27.11 -14.43
C SER B 118 27.00 28.14 -13.99
N SER B 119 28.25 27.89 -14.37
CA SER B 119 29.39 28.67 -13.91
C SER B 119 29.52 30.01 -14.65
CL CL C . -8.11 -4.45 -10.17
CL CL D . -19.25 -9.55 20.20
CL CL E . 3.56 -17.95 13.86
C1 EDO F . -10.23 0.19 0.93
O1 EDO F . -10.25 1.61 0.77
C2 EDO F . -10.55 -0.17 2.37
O2 EDO F . -11.75 0.50 2.76
C1 EDO G . -2.57 21.60 5.98
O1 EDO G . -3.90 21.21 5.62
C2 EDO G . -1.80 20.39 6.49
O2 EDO G . -2.10 20.19 7.88
C1 EDO H . 17.05 33.05 -12.24
O1 EDO H . 16.73 31.97 -13.13
C2 EDO H . 16.92 32.60 -10.79
O2 EDO H . 15.56 32.17 -10.54
#